data_8VW2
#
_entry.id   8VW2
#
_cell.length_a   58.456
_cell.length_b   69.944
_cell.length_c   100.534
_cell.angle_alpha   90.00
_cell.angle_beta   90.00
_cell.angle_gamma   90.00
#
_symmetry.space_group_name_H-M   'P 21 21 21'
#
loop_
_entity.id
_entity.type
_entity.pdbx_description
1 polymer 'UDP-N-acetylmuramoylalanine--D-glutamate ligase'
2 non-polymer 'CALCIUM ION'
3 non-polymer "ADENOSINE-5'-TRIPHOSPHATE"
4 non-polymer 'MAGNESIUM ION'
5 non-polymer (4S)-2-METHYL-2,4-PENTANEDIOL
6 non-polymer 'DIMETHYL SULFOXIDE'
7 water water
#
_entity_poly.entity_id   1
_entity_poly.type   'polypeptide(L)'
_entity_poly.pdbx_seq_one_letter_code
;MADYQGKNVVIIGLGLTGLSCVDFFLARGVTPRVMDTRMTPPGLDKLPEAVERHTGSLNDEWLMAADLIVASPGIALAHP
SLSAAADAGIEIVGDIELFCREAQAPIVAITGSNGKSTVTTLVGEMAKAAGVNVGVGGNIGLPALMLLDDECELYVLELS
SFQLETTSSLQAVAATILNVTEDHMDRYPFGLQQYRAA(KCX)LRIYENAKVCVVNADDALTMPIRGADERCVSFGVNMG
DYHLNHQQGETWLRVKGEKVLNVKEMKLSGQHNYTNALAALALADAAGLPRASSLKALTTFTGLPHRFEVVLEHNGVRWI
NDSKATNVGSTEAALNGLHVDGTLHLLLGGDGKSADFSPLARYLNGDNVRLYCFGRDGAQLAALRPEVAEQTETMEQAMR
LLAPRVQPGDMVLLSPACASLDQFKNFEQRGNEFARLAKELGGHHHHHH
;
_entity_poly.pdbx_strand_id   A
#
# COMPACT_ATOMS: atom_id res chain seq x y z
N ALA A 2 27.97 6.35 1.31
CA ALA A 2 28.90 5.44 0.65
C ALA A 2 29.56 6.18 -0.50
N ASP A 3 30.63 5.59 -1.03
CA ASP A 3 31.47 6.21 -2.04
C ASP A 3 31.44 5.36 -3.30
N TYR A 4 30.93 5.92 -4.39
CA TYR A 4 30.78 5.19 -5.65
C TYR A 4 31.72 5.73 -6.72
N GLN A 5 32.63 6.63 -6.35
CA GLN A 5 33.54 7.21 -7.33
C GLN A 5 34.22 6.12 -8.14
N GLY A 6 34.25 6.31 -9.45
CA GLY A 6 35.02 5.42 -10.29
C GLY A 6 34.38 4.07 -10.54
N LYS A 7 33.17 3.82 -10.03
CA LYS A 7 32.57 2.52 -10.21
C LYS A 7 31.80 2.47 -11.52
N ASN A 8 31.70 1.25 -12.07
CA ASN A 8 30.83 0.96 -13.21
C ASN A 8 29.48 0.57 -12.60
N VAL A 9 28.52 1.49 -12.68
CA VAL A 9 27.19 1.33 -12.07
C VAL A 9 26.20 1.13 -13.21
N VAL A 10 25.36 0.12 -13.09
CA VAL A 10 24.33 -0.17 -14.08
C VAL A 10 22.98 -0.18 -13.39
N ILE A 11 22.04 0.60 -13.92
CA ILE A 11 20.70 0.72 -13.37
C ILE A 11 19.72 -0.04 -14.29
N ILE A 12 18.84 -0.84 -13.68
CA ILE A 12 17.78 -1.52 -14.41
C ILE A 12 16.46 -0.85 -14.06
N GLY A 13 15.82 -0.27 -15.06
CA GLY A 13 14.51 0.39 -14.90
C GLY A 13 14.65 1.88 -15.20
N LEU A 14 13.76 2.36 -16.07
CA LEU A 14 13.73 3.78 -16.45
C LEU A 14 12.40 4.42 -16.09
N GLY A 15 11.71 3.86 -15.11
CA GLY A 15 10.62 4.56 -14.47
C GLY A 15 11.17 5.64 -13.57
N LEU A 16 10.26 6.21 -12.77
CA LEU A 16 10.64 7.30 -11.88
C LEU A 16 11.70 6.84 -10.87
N THR A 17 11.62 5.57 -10.45
CA THR A 17 12.56 5.04 -9.48
C THR A 17 13.96 4.95 -10.08
N GLY A 18 14.07 4.39 -11.29
CA GLY A 18 15.35 4.34 -11.98
C GLY A 18 15.90 5.71 -12.29
N LEU A 19 15.03 6.64 -12.66
CA LEU A 19 15.49 8.01 -12.88
C LEU A 19 16.04 8.62 -11.60
N SER A 20 15.40 8.34 -10.47
CA SER A 20 15.91 8.89 -9.23
C SER A 20 17.30 8.33 -8.92
N CYS A 21 17.53 7.07 -9.31
CA CYS A 21 18.87 6.50 -9.16
C CYS A 21 19.86 7.20 -10.08
N VAL A 22 19.48 7.47 -11.34
CA VAL A 22 20.38 8.21 -12.23
C VAL A 22 20.76 9.54 -11.59
N ASP A 23 19.76 10.29 -11.10
CA ASP A 23 20.05 11.57 -10.49
C ASP A 23 21.00 11.41 -9.31
N PHE A 24 20.80 10.38 -8.49
CA PHE A 24 21.63 10.14 -7.32
C PHE A 24 23.10 10.01 -7.71
N PHE A 25 23.39 9.20 -8.72
CA PHE A 25 24.79 9.00 -9.11
C PHE A 25 25.35 10.22 -9.82
N LEU A 26 24.55 10.88 -10.67
CA LEU A 26 25.05 12.10 -11.31
C LEU A 26 25.41 13.17 -10.27
N ALA A 27 24.60 13.29 -9.21
CA ALA A 27 24.89 14.29 -8.19
C ALA A 27 26.20 13.98 -7.46
N ARG A 28 26.67 12.73 -7.54
CA ARG A 28 27.90 12.28 -6.89
C ARG A 28 29.04 12.12 -7.89
N GLY A 29 28.90 12.65 -9.10
CA GLY A 29 29.95 12.58 -10.10
C GLY A 29 30.13 11.24 -10.77
N VAL A 30 29.16 10.33 -10.69
CA VAL A 30 29.24 9.03 -11.34
C VAL A 30 28.21 9.00 -12.46
N THR A 31 28.64 8.63 -13.66
CA THR A 31 27.71 8.51 -14.76
C THR A 31 27.35 7.05 -14.92
N PRO A 32 26.16 6.62 -14.56
CA PRO A 32 25.80 5.22 -14.69
C PRO A 32 25.32 4.91 -16.09
N ARG A 33 25.19 3.62 -16.36
CA ARG A 33 24.50 3.11 -17.52
C ARG A 33 23.12 2.62 -17.09
N VAL A 34 22.15 2.72 -18.00
CA VAL A 34 20.76 2.39 -17.69
CA VAL A 34 20.77 2.36 -17.68
C VAL A 34 20.23 1.45 -18.76
N MET A 35 19.40 0.51 -18.34
CA MET A 35 18.70 -0.36 -19.28
C MET A 35 17.26 -0.55 -18.83
N ASP A 36 16.42 -0.92 -19.78
CA ASP A 36 15.00 -1.15 -19.54
C ASP A 36 14.51 -2.11 -20.62
N THR A 37 13.73 -3.11 -20.21
CA THR A 37 13.27 -4.09 -21.19
C THR A 37 12.23 -3.52 -22.14
N ARG A 38 11.57 -2.43 -21.76
CA ARG A 38 10.66 -1.72 -22.65
C ARG A 38 11.46 -0.99 -23.73
N MET A 39 10.92 -0.96 -24.96
CA MET A 39 11.68 -0.30 -26.04
C MET A 39 11.72 1.21 -25.82
N THR A 40 10.60 1.81 -25.41
CA THR A 40 10.52 3.25 -25.17
C THR A 40 9.95 3.49 -23.78
N PRO A 41 10.75 3.30 -22.75
CA PRO A 41 10.25 3.58 -21.40
C PRO A 41 9.95 5.06 -21.24
N PRO A 42 9.07 5.41 -20.30
CA PRO A 42 8.67 6.82 -20.20
C PRO A 42 9.84 7.74 -19.88
N GLY A 43 10.72 7.34 -18.96
CA GLY A 43 11.80 8.19 -18.52
C GLY A 43 12.91 8.43 -19.53
N LEU A 44 12.84 7.84 -20.72
CA LEU A 44 13.96 7.93 -21.65
C LEU A 44 14.30 9.38 -21.99
N ASP A 45 13.29 10.21 -22.21
CA ASP A 45 13.56 11.56 -22.68
C ASP A 45 13.83 12.53 -21.53
N LYS A 46 14.01 12.03 -20.31
CA LYS A 46 14.56 12.83 -19.22
C LYS A 46 16.04 12.57 -19.01
N LEU A 47 16.62 11.63 -19.74
CA LEU A 47 17.99 11.24 -19.49
C LEU A 47 18.95 12.28 -20.05
N PRO A 48 20.09 12.52 -19.39
CA PRO A 48 21.13 13.34 -20.00
C PRO A 48 21.86 12.61 -21.11
N GLU A 49 22.46 13.39 -21.99
CA GLU A 49 23.12 12.87 -23.17
C GLU A 49 24.23 11.90 -22.80
N ALA A 50 24.95 12.16 -21.71
CA ALA A 50 26.11 11.38 -21.33
C ALA A 50 25.77 9.99 -20.79
N VAL A 51 24.52 9.70 -20.46
CA VAL A 51 24.15 8.43 -19.88
C VAL A 51 23.90 7.46 -21.02
N GLU A 52 24.74 6.42 -21.10
CA GLU A 52 24.49 5.34 -22.04
C GLU A 52 23.26 4.55 -21.64
N ARG A 53 22.43 4.24 -22.62
CA ARG A 53 21.18 3.54 -22.34
C ARG A 53 20.96 2.45 -23.35
N HIS A 54 20.29 1.40 -22.88
CA HIS A 54 19.97 0.23 -23.68
C HIS A 54 18.54 -0.14 -23.37
N THR A 55 17.67 -0.15 -24.38
CA THR A 55 16.26 -0.46 -24.17
C THR A 55 15.84 -1.61 -25.08
N GLY A 56 14.65 -2.14 -24.80
CA GLY A 56 14.08 -3.25 -25.52
C GLY A 56 14.43 -4.60 -24.94
N SER A 57 15.36 -4.66 -23.99
CA SER A 57 15.77 -5.91 -23.35
C SER A 57 16.85 -5.56 -22.32
N LEU A 58 17.32 -6.55 -21.58
CA LEU A 58 18.50 -6.34 -20.75
C LEU A 58 19.76 -6.53 -21.58
N ASN A 59 20.83 -5.87 -21.16
CA ASN A 59 22.14 -5.97 -21.78
C ASN A 59 23.01 -6.78 -20.84
N ASP A 60 23.21 -8.05 -21.18
CA ASP A 60 23.89 -8.97 -20.26
C ASP A 60 25.35 -8.59 -20.05
N GLU A 61 26.03 -8.13 -21.09
CA GLU A 61 27.45 -7.81 -20.90
C GLU A 61 27.63 -6.55 -20.07
N TRP A 62 26.72 -5.59 -20.17
CA TRP A 62 26.73 -4.46 -19.26
C TRP A 62 26.57 -4.93 -17.82
N LEU A 63 25.62 -5.83 -17.58
CA LEU A 63 25.44 -6.39 -16.24
C LEU A 63 26.69 -7.12 -15.79
N MET A 64 27.29 -7.93 -16.67
CA MET A 64 28.39 -8.75 -16.20
C MET A 64 29.67 -7.94 -16.00
N ALA A 65 29.74 -6.72 -16.55
CA ALA A 65 30.89 -5.84 -16.35
C ALA A 65 30.69 -4.86 -15.19
N ALA A 66 29.52 -4.86 -14.55
CA ALA A 66 29.23 -3.87 -13.54
C ALA A 66 29.98 -4.13 -12.24
N ASP A 67 30.30 -3.05 -11.53
CA ASP A 67 30.69 -3.13 -10.12
C ASP A 67 29.46 -3.15 -9.22
N LEU A 68 28.38 -2.54 -9.68
CA LEU A 68 27.17 -2.43 -8.88
C LEU A 68 26.01 -2.41 -9.84
N ILE A 69 25.04 -3.30 -9.60
CA ILE A 69 23.78 -3.33 -10.30
C ILE A 69 22.71 -2.76 -9.38
N VAL A 70 21.94 -1.80 -9.89
CA VAL A 70 20.84 -1.19 -9.15
C VAL A 70 19.56 -1.61 -9.85
N ALA A 71 18.83 -2.54 -9.23
CA ALA A 71 17.66 -3.17 -9.83
C ALA A 71 16.39 -2.48 -9.39
N SER A 72 15.57 -2.07 -10.36
CA SER A 72 14.19 -1.69 -10.09
C SER A 72 13.52 -2.81 -9.31
N PRO A 73 12.55 -2.50 -8.45
CA PRO A 73 11.78 -3.57 -7.80
C PRO A 73 10.94 -4.38 -8.77
N GLY A 74 10.70 -3.89 -9.98
CA GLY A 74 9.90 -4.60 -10.96
C GLY A 74 10.58 -5.72 -11.73
N ILE A 75 11.82 -6.08 -11.40
CA ILE A 75 12.47 -7.24 -11.97
C ILE A 75 12.91 -8.14 -10.83
N ALA A 76 12.78 -9.45 -11.03
CA ALA A 76 13.02 -10.41 -9.97
C ALA A 76 14.51 -10.68 -9.80
N LEU A 77 14.95 -10.78 -8.55
CA LEU A 77 16.27 -11.37 -8.32
C LEU A 77 16.42 -12.72 -9.04
N ALA A 78 15.30 -13.39 -9.33
CA ALA A 78 15.27 -14.70 -9.97
C ALA A 78 15.42 -14.65 -11.49
N HIS A 79 15.26 -13.48 -12.11
CA HIS A 79 15.44 -13.36 -13.55
C HIS A 79 16.81 -13.92 -13.95
N PRO A 80 16.90 -14.69 -15.05
CA PRO A 80 18.17 -15.38 -15.37
C PRO A 80 19.38 -14.48 -15.43
N SER A 81 19.28 -13.31 -16.06
CA SER A 81 20.40 -12.37 -16.12
C SER A 81 20.87 -11.98 -14.72
N LEU A 82 19.93 -11.69 -13.80
CA LEU A 82 20.35 -11.26 -12.47
C LEU A 82 20.91 -12.40 -11.65
N SER A 83 20.33 -13.59 -11.79
CA SER A 83 20.92 -14.77 -11.15
C SER A 83 22.33 -15.00 -11.66
N ALA A 84 22.54 -14.81 -12.97
CA ALA A 84 23.88 -14.97 -13.51
C ALA A 84 24.84 -13.94 -12.93
N ALA A 85 24.41 -12.69 -12.78
CA ALA A 85 25.30 -11.69 -12.21
C ALA A 85 25.63 -12.02 -10.75
N ALA A 86 24.62 -12.40 -9.96
CA ALA A 86 24.89 -12.76 -8.58
C ALA A 86 25.81 -13.96 -8.48
N ASP A 87 25.58 -14.98 -9.33
CA ASP A 87 26.51 -16.11 -9.39
C ASP A 87 27.95 -15.63 -9.60
N ALA A 88 28.14 -14.57 -10.38
CA ALA A 88 29.46 -14.00 -10.59
C ALA A 88 29.94 -13.16 -9.42
N GLY A 89 29.13 -12.96 -8.38
CA GLY A 89 29.59 -12.13 -7.29
C GLY A 89 29.41 -10.65 -7.49
N ILE A 90 28.59 -10.25 -8.45
CA ILE A 90 28.33 -8.83 -8.67
C ILE A 90 27.27 -8.37 -7.68
N GLU A 91 27.52 -7.25 -7.02
CA GLU A 91 26.63 -6.76 -5.98
C GLU A 91 25.36 -6.22 -6.62
N ILE A 92 24.21 -6.66 -6.12
CA ILE A 92 22.91 -6.18 -6.58
C ILE A 92 22.20 -5.49 -5.41
N VAL A 93 21.79 -4.24 -5.62
CA VAL A 93 21.01 -3.48 -4.64
C VAL A 93 19.81 -2.86 -5.33
N GLY A 94 18.92 -2.25 -4.55
CA GLY A 94 17.88 -1.40 -5.08
C GLY A 94 17.95 0.03 -4.53
N ASP A 95 16.97 0.84 -4.93
CA ASP A 95 17.02 2.25 -4.57
C ASP A 95 16.93 2.45 -3.05
N ILE A 96 16.21 1.56 -2.36
CA ILE A 96 16.04 1.72 -0.91
C ILE A 96 17.36 1.43 -0.20
N GLU A 97 18.12 0.47 -0.72
CA GLU A 97 19.45 0.21 -0.17
C GLU A 97 20.34 1.43 -0.34
N LEU A 98 20.34 2.05 -1.55
CA LEU A 98 21.13 3.26 -1.73
C LEU A 98 20.68 4.36 -0.77
N PHE A 99 19.37 4.47 -0.55
CA PHE A 99 18.83 5.47 0.38
C PHE A 99 19.30 5.21 1.81
N CYS A 100 19.16 3.96 2.28
CA CYS A 100 19.52 3.64 3.66
C CYS A 100 20.98 3.94 3.96
N ARG A 101 21.87 3.76 2.98
CA ARG A 101 23.27 4.08 3.23
C ARG A 101 23.52 5.57 3.43
N GLU A 102 22.61 6.44 2.98
CA GLU A 102 22.82 7.88 3.00
C GLU A 102 21.89 8.62 3.96
N ALA A 103 20.82 8.00 4.40
CA ALA A 103 19.84 8.68 5.24
C ALA A 103 20.50 9.10 6.53
N GLN A 104 20.32 10.35 6.92
CA GLN A 104 20.90 10.86 8.16
C GLN A 104 19.83 11.27 9.17
N ALA A 105 18.64 10.74 9.03
CA ALA A 105 17.58 10.97 10.00
C ALA A 105 16.91 9.64 10.25
N PRO A 106 16.17 9.50 11.35
CA PRO A 106 15.48 8.24 11.60
C PRO A 106 14.49 7.90 10.50
N ILE A 107 14.30 6.60 10.31
CA ILE A 107 13.39 6.07 9.29
C ILE A 107 12.29 5.28 10.00
N VAL A 108 11.05 5.61 9.69
CA VAL A 108 9.91 4.74 9.94
C VAL A 108 9.58 3.99 8.66
N ALA A 109 9.51 2.66 8.72
CA ALA A 109 9.39 1.83 7.54
C ALA A 109 8.12 0.98 7.60
N ILE A 110 7.31 1.06 6.56
CA ILE A 110 5.98 0.45 6.54
C ILE A 110 5.85 -0.45 5.33
N THR A 111 5.56 -1.74 5.55
CA THR A 111 5.18 -2.66 4.47
C THR A 111 3.91 -3.41 4.90
N GLY A 112 3.49 -4.33 4.06
CA GLY A 112 2.22 -5.01 4.21
C GLY A 112 1.57 -5.17 2.85
N SER A 113 0.65 -6.16 2.76
CA SER A 113 -0.05 -6.40 1.50
C SER A 113 -0.98 -5.22 1.17
N ASN A 114 -1.66 -4.66 2.16
CA ASN A 114 -2.60 -3.57 1.91
C ASN A 114 -2.55 -2.54 3.03
N GLY A 115 -2.88 -1.30 2.71
CA GLY A 115 -2.93 -0.24 3.70
C GLY A 115 -1.65 0.54 3.86
N LYS A 116 -0.60 0.23 3.10
CA LYS A 116 0.67 0.89 3.31
C LYS A 116 0.57 2.39 3.07
N SER A 117 -0.07 2.79 1.97
CA SER A 117 -0.07 4.21 1.64
C SER A 117 -0.86 5.02 2.66
N THR A 118 -1.94 4.46 3.20
CA THR A 118 -2.72 5.17 4.19
C THR A 118 -1.92 5.35 5.47
N VAL A 119 -1.26 4.30 5.94
CA VAL A 119 -0.51 4.41 7.19
C VAL A 119 0.70 5.32 7.00
N THR A 120 1.42 5.18 5.88
CA THR A 120 2.55 6.05 5.58
C THR A 120 2.15 7.52 5.58
N THR A 121 1.05 7.84 4.91
CA THR A 121 0.65 9.24 4.83
C THR A 121 0.21 9.74 6.19
N LEU A 122 -0.48 8.89 6.95
CA LEU A 122 -0.95 9.25 8.28
C LEU A 122 0.22 9.50 9.23
N VAL A 123 1.23 8.63 9.25
CA VAL A 123 2.40 8.94 10.07
C VAL A 123 3.01 10.26 9.65
N GLY A 124 3.08 10.51 8.33
CA GLY A 124 3.57 11.80 7.86
C GLY A 124 2.79 12.96 8.42
N GLU A 125 1.46 12.84 8.45
CA GLU A 125 0.66 13.93 9.02
C GLU A 125 0.93 14.12 10.49
N MET A 126 1.11 13.02 11.23
CA MET A 126 1.45 13.13 12.65
C MET A 126 2.75 13.89 12.83
N ALA A 127 3.74 13.63 11.97
CA ALA A 127 5.00 14.36 12.08
C ALA A 127 4.81 15.82 11.74
N LYS A 128 4.00 16.10 10.71
CA LYS A 128 3.78 17.49 10.32
C LYS A 128 3.05 18.26 11.42
N ALA A 129 2.11 17.60 12.08
CA ALA A 129 1.41 18.20 13.21
C ALA A 129 2.37 18.58 14.32
N ALA A 130 3.47 17.85 14.43
CA ALA A 130 4.50 18.15 15.40
C ALA A 130 5.47 19.20 14.90
N GLY A 131 5.30 19.70 13.69
CA GLY A 131 6.28 20.65 13.17
C GLY A 131 7.56 20.02 12.65
N VAL A 132 7.54 18.73 12.39
CA VAL A 132 8.73 18.02 11.92
C VAL A 132 8.85 18.16 10.41
N ASN A 133 10.05 18.45 9.92
CA ASN A 133 10.30 18.46 8.47
C ASN A 133 10.49 17.01 8.08
N VAL A 134 9.39 16.38 7.76
CA VAL A 134 9.34 14.95 7.50
C VAL A 134 9.36 14.76 6.00
N GLY A 135 10.03 13.69 5.57
CA GLY A 135 10.05 13.29 4.18
C GLY A 135 9.32 11.98 4.04
N VAL A 136 8.27 11.97 3.22
CA VAL A 136 7.34 10.85 3.10
C VAL A 136 7.39 10.33 1.68
N GLY A 137 7.64 9.05 1.50
CA GLY A 137 7.80 8.53 0.15
C GLY A 137 8.07 7.06 0.12
N GLY A 138 8.73 6.61 -0.96
CA GLY A 138 8.90 5.22 -1.26
C GLY A 138 7.84 4.61 -2.17
N ASN A 139 6.69 5.25 -2.32
CA ASN A 139 5.73 4.84 -3.35
C ASN A 139 6.31 5.13 -4.74
N ILE A 140 5.72 4.52 -5.77
CA ILE A 140 6.28 4.71 -7.11
C ILE A 140 6.27 6.17 -7.51
N GLY A 141 5.40 6.98 -6.91
CA GLY A 141 5.21 8.36 -7.28
C GLY A 141 6.14 9.36 -6.60
N LEU A 142 6.76 8.99 -5.48
CA LEU A 142 7.82 9.81 -4.87
C LEU A 142 8.92 8.91 -4.34
N PRO A 143 9.85 8.52 -5.22
CA PRO A 143 10.90 7.58 -4.80
C PRO A 143 11.76 8.12 -3.67
N ALA A 144 12.18 7.23 -2.79
CA ALA A 144 12.89 7.61 -1.57
C ALA A 144 14.13 8.48 -1.84
N LEU A 145 14.91 8.17 -2.88
CA LEU A 145 16.12 8.95 -3.11
C LEU A 145 15.79 10.43 -3.34
N MET A 146 14.60 10.72 -3.86
CA MET A 146 14.25 12.13 -4.02
C MET A 146 14.03 12.84 -2.70
N LEU A 147 13.91 12.11 -1.59
CA LEU A 147 13.69 12.73 -0.29
C LEU A 147 14.98 13.14 0.39
N LEU A 148 16.11 12.60 -0.06
CA LEU A 148 17.34 12.78 0.69
C LEU A 148 17.66 14.26 0.80
N ASP A 149 17.86 14.71 2.03
CA ASP A 149 18.20 16.10 2.29
C ASP A 149 18.66 16.26 3.74
N ASP A 150 19.76 16.97 3.94
CA ASP A 150 20.30 17.11 5.29
C ASP A 150 19.37 17.88 6.20
N GLU A 151 18.35 18.56 5.67
CA GLU A 151 17.39 19.24 6.53
C GLU A 151 16.26 18.34 7.01
N CYS A 152 16.13 17.15 6.43
CA CYS A 152 15.06 16.25 6.82
CA CYS A 152 15.07 16.22 6.81
C CYS A 152 15.32 15.71 8.23
N GLU A 153 14.26 15.68 9.03
CA GLU A 153 14.31 15.29 10.42
C GLU A 153 13.75 13.92 10.66
N LEU A 154 13.03 13.36 9.69
CA LEU A 154 12.38 12.09 9.84
C LEU A 154 11.96 11.64 8.46
N TYR A 155 12.21 10.39 8.16
CA TYR A 155 11.76 9.78 6.91
C TYR A 155 10.68 8.76 7.25
N VAL A 156 9.62 8.79 6.46
CA VAL A 156 8.55 7.79 6.55
C VAL A 156 8.44 7.11 5.18
N LEU A 157 8.80 5.83 5.11
CA LEU A 157 8.89 5.11 3.85
C LEU A 157 7.86 4.00 3.75
N GLU A 158 7.10 4.01 2.67
CA GLU A 158 6.33 2.86 2.24
C GLU A 158 7.23 1.94 1.40
N LEU A 159 7.35 0.68 1.81
CA LEU A 159 8.27 -0.27 1.19
C LEU A 159 7.51 -1.50 0.73
N SER A 160 7.71 -1.88 -0.53
CA SER A 160 7.11 -3.11 -1.03
C SER A 160 7.99 -4.31 -0.69
N SER A 161 7.38 -5.50 -0.76
CA SER A 161 8.19 -6.71 -0.61
C SER A 161 9.34 -6.72 -1.62
N PHE A 162 9.11 -6.19 -2.82
CA PHE A 162 10.12 -6.21 -3.87
C PHE A 162 11.33 -5.34 -3.52
N GLN A 163 11.09 -4.14 -2.98
CA GLN A 163 12.18 -3.28 -2.54
C GLN A 163 12.93 -3.90 -1.38
N LEU A 164 12.21 -4.58 -0.48
CA LEU A 164 12.87 -5.15 0.69
C LEU A 164 13.83 -6.26 0.30
N GLU A 165 13.52 -7.02 -0.75
CA GLU A 165 14.40 -8.11 -1.18
C GLU A 165 15.81 -7.64 -1.51
N THR A 166 15.96 -6.40 -1.95
CA THR A 166 17.28 -5.91 -2.33
C THR A 166 17.86 -4.94 -1.31
N THR A 167 17.28 -4.89 -0.11
CA THR A 167 17.72 -3.97 0.93
C THR A 167 18.35 -4.78 2.06
N SER A 168 19.52 -4.33 2.52
CA SER A 168 20.18 -4.95 3.67
C SER A 168 20.64 -3.98 4.75
N SER A 169 20.59 -2.66 4.51
CA SER A 169 21.13 -1.67 5.43
C SER A 169 20.07 -0.85 6.18
N LEU A 170 18.81 -1.26 6.12
CA LEU A 170 17.75 -0.53 6.82
C LEU A 170 17.86 -0.76 8.32
N GLN A 171 17.89 0.33 9.09
CA GLN A 171 17.85 0.27 10.56
C GLN A 171 16.70 1.20 11.02
N ALA A 172 15.49 0.70 10.92
CA ALA A 172 14.34 1.53 11.20
C ALA A 172 14.23 1.83 12.69
N VAL A 173 13.80 3.05 13.02
CA VAL A 173 13.49 3.35 14.42
C VAL A 173 12.18 2.68 14.78
N ALA A 174 11.28 2.51 13.81
CA ALA A 174 10.05 1.74 13.96
C ALA A 174 9.66 1.15 12.61
N ALA A 175 9.27 -0.10 12.60
CA ALA A 175 8.87 -0.77 11.38
C ALA A 175 7.62 -1.62 11.62
N THR A 176 6.83 -1.76 10.57
CA THR A 176 5.64 -2.62 10.63
C THR A 176 5.47 -3.41 9.34
N ILE A 177 4.92 -4.62 9.51
CA ILE A 177 4.20 -5.33 8.47
C ILE A 177 2.72 -5.26 8.85
N LEU A 178 1.93 -4.53 8.07
CA LEU A 178 0.53 -4.32 8.45
C LEU A 178 -0.28 -5.60 8.32
N ASN A 179 -0.03 -6.40 7.29
CA ASN A 179 -0.78 -7.62 7.04
C ASN A 179 -0.08 -8.38 5.93
N VAL A 180 -0.43 -9.65 5.77
CA VAL A 180 0.11 -10.49 4.70
C VAL A 180 -1.03 -11.34 4.13
N THR A 181 -1.42 -11.05 2.90
CA THR A 181 -2.42 -11.87 2.24
C THR A 181 -1.95 -12.24 0.84
N GLU A 182 -2.55 -13.29 0.29
CA GLU A 182 -2.14 -13.84 -1.01
C GLU A 182 -2.14 -12.80 -2.13
N ASP A 183 -0.98 -12.23 -2.40
CA ASP A 183 -0.82 -11.24 -3.46
C ASP A 183 0.61 -11.34 -3.97
N HIS A 184 0.85 -10.73 -5.13
CA HIS A 184 2.15 -10.85 -5.78
C HIS A 184 2.52 -12.31 -5.98
N MET A 185 1.51 -13.17 -6.13
CA MET A 185 1.74 -14.60 -6.26
C MET A 185 2.71 -14.92 -7.40
N ASP A 186 2.70 -14.11 -8.46
CA ASP A 186 3.58 -14.36 -9.61
C ASP A 186 5.05 -14.40 -9.20
N ARG A 187 5.47 -13.49 -8.33
CA ARG A 187 6.87 -13.33 -7.96
C ARG A 187 7.35 -14.29 -6.87
N TYR A 188 6.46 -15.09 -6.28
CA TYR A 188 6.81 -15.89 -5.09
C TYR A 188 6.44 -17.34 -5.33
N PRO A 189 7.22 -18.04 -6.17
CA PRO A 189 6.87 -19.41 -6.58
C PRO A 189 6.74 -20.40 -5.44
N PHE A 190 7.32 -20.14 -4.27
CA PHE A 190 7.23 -21.06 -3.14
C PHE A 190 6.15 -20.65 -2.14
N GLY A 191 5.30 -19.71 -2.51
CA GLY A 191 4.07 -19.47 -1.80
C GLY A 191 4.18 -18.40 -0.74
N LEU A 192 3.19 -18.43 0.14
CA LEU A 192 2.97 -17.33 1.08
C LEU A 192 4.15 -17.16 2.05
N GLN A 193 4.82 -18.25 2.43
CA GLN A 193 5.91 -18.06 3.38
C GLN A 193 7.13 -17.41 2.72
N GLN A 194 7.25 -17.54 1.39
CA GLN A 194 8.32 -16.84 0.66
C GLN A 194 8.02 -15.35 0.52
N TYR A 195 6.81 -15.01 0.09
CA TYR A 195 6.38 -13.63 0.05
C TYR A 195 6.57 -13.00 1.42
N ARG A 196 6.20 -13.74 2.46
CA ARG A 196 6.36 -13.25 3.82
C ARG A 196 7.83 -12.98 4.15
N ALA A 197 8.73 -13.89 3.77
CA ALA A 197 10.14 -13.72 4.14
C ALA A 197 10.69 -12.41 3.61
N ALA A 198 10.26 -11.98 2.44
CA ALA A 198 10.67 -10.67 1.92
C ALA A 198 10.24 -9.53 2.85
N LEU A 200 9.52 -9.77 5.96
CA LEU A 200 10.15 -9.92 7.28
C LEU A 200 11.51 -9.25 7.39
N ARG A 201 12.14 -9.00 6.24
CA ARG A 201 13.42 -8.28 6.24
C ARG A 201 13.30 -6.90 6.87
N ILE A 202 12.09 -6.33 6.89
CA ILE A 202 11.94 -4.97 7.37
C ILE A 202 12.26 -4.87 8.86
N TYR A 203 12.12 -5.97 9.60
CA TYR A 203 12.38 -5.96 11.04
C TYR A 203 13.85 -6.16 11.38
N GLU A 204 14.67 -6.56 10.39
CA GLU A 204 16.08 -6.75 10.66
C GLU A 204 16.66 -5.42 11.13
N ASN A 205 17.25 -5.43 12.31
CA ASN A 205 17.81 -4.22 12.90
C ASN A 205 16.80 -3.10 13.16
N ALA A 206 15.48 -3.38 13.19
CA ALA A 206 14.54 -2.35 13.59
C ALA A 206 14.57 -2.23 15.12
N LYS A 207 14.44 -0.99 15.62
CA LYS A 207 14.43 -0.80 17.07
C LYS A 207 13.12 -1.24 17.69
N VAL A 208 12.01 -0.94 17.02
CA VAL A 208 10.67 -1.30 17.48
C VAL A 208 9.94 -1.94 16.31
N CYS A 209 9.27 -3.07 16.57
CA CYS A 209 8.46 -3.74 15.57
C CYS A 209 6.99 -3.57 15.94
N VAL A 210 6.24 -2.93 15.06
CA VAL A 210 4.81 -2.80 15.24
C VAL A 210 4.16 -3.93 14.46
N VAL A 211 3.53 -4.85 15.19
CA VAL A 211 2.97 -6.07 14.61
C VAL A 211 1.44 -6.07 14.72
N ASN A 212 0.82 -6.80 13.81
CA ASN A 212 -0.63 -6.95 13.77
C ASN A 212 -1.03 -8.13 14.64
N ALA A 213 -1.71 -7.83 15.76
CA ALA A 213 -2.15 -8.90 16.66
C ALA A 213 -3.07 -9.89 15.99
N ASP A 214 -3.76 -9.49 14.92
CA ASP A 214 -4.72 -10.35 14.25
C ASP A 214 -4.12 -11.11 13.06
N ASP A 215 -2.83 -10.94 12.76
CA ASP A 215 -2.18 -11.59 11.61
C ASP A 215 -0.81 -12.11 12.06
N ALA A 216 -0.73 -13.42 12.34
CA ALA A 216 0.51 -13.96 12.86
C ALA A 216 1.65 -13.89 11.86
N LEU A 217 1.36 -13.78 10.55
CA LEU A 217 2.41 -13.64 9.57
C LEU A 217 3.17 -12.31 9.69
N THR A 218 2.63 -11.31 10.38
CA THR A 218 3.34 -10.06 10.63
C THR A 218 4.32 -10.13 11.81
N MET A 219 4.39 -11.25 12.54
CA MET A 219 5.33 -11.38 13.64
C MET A 219 6.73 -11.60 13.11
N PRO A 220 7.77 -11.14 13.82
CA PRO A 220 9.14 -11.37 13.33
C PRO A 220 9.41 -12.85 13.22
N ILE A 221 10.40 -13.18 12.39
CA ILE A 221 10.57 -14.55 11.92
C ILE A 221 10.84 -15.48 13.08
N ARG A 222 11.60 -15.03 14.08
CA ARG A 222 11.91 -15.84 15.25
C ARG A 222 10.87 -15.71 16.36
N GLY A 223 9.77 -15.02 16.12
CA GLY A 223 8.68 -14.89 17.07
C GLY A 223 8.64 -13.50 17.70
N ALA A 224 7.61 -13.29 18.52
CA ALA A 224 7.51 -12.04 19.25
C ALA A 224 8.72 -11.87 20.17
N ASP A 225 9.18 -10.64 20.30
CA ASP A 225 10.32 -10.36 21.16
C ASP A 225 10.09 -9.01 21.85
N GLU A 226 11.09 -8.58 22.59
CA GLU A 226 10.95 -7.40 23.43
C GLU A 226 10.74 -6.14 22.61
N ARG A 227 11.06 -6.16 21.32
CA ARG A 227 10.86 -5.01 20.46
C ARG A 227 9.42 -4.83 20.02
N CYS A 228 8.55 -5.83 20.22
CA CYS A 228 7.28 -5.85 19.54
C CYS A 228 6.22 -5.11 20.34
N VAL A 229 5.48 -4.26 19.64
N VAL A 229 5.47 -4.26 19.66
CA VAL A 229 4.25 -3.62 20.08
CA VAL A 229 4.22 -3.72 20.19
C VAL A 229 3.17 -4.04 19.10
C VAL A 229 3.15 -3.95 19.15
N SER A 230 1.98 -4.37 19.59
CA SER A 230 0.95 -4.89 18.70
C SER A 230 -0.21 -3.93 18.58
N PHE A 231 -0.86 -3.99 17.41
CA PHE A 231 -2.15 -3.36 17.18
C PHE A 231 -3.12 -4.42 16.71
N GLY A 232 -4.40 -4.23 17.03
CA GLY A 232 -5.40 -5.23 16.70
C GLY A 232 -6.80 -4.68 16.88
N VAL A 233 -7.78 -5.51 16.55
CA VAL A 233 -9.18 -5.11 16.71
C VAL A 233 -9.64 -5.31 18.16
N ASN A 234 -9.57 -6.56 18.65
CA ASN A 234 -10.07 -6.88 19.99
C ASN A 234 -9.05 -6.74 21.11
N MET A 235 -7.77 -6.87 20.81
CA MET A 235 -6.77 -6.74 21.86
C MET A 235 -5.42 -6.41 21.23
N GLY A 236 -4.43 -6.24 22.09
CA GLY A 236 -3.13 -5.72 21.71
C GLY A 236 -2.79 -4.45 22.46
N ASP A 237 -1.51 -4.06 22.34
CA ASP A 237 -1.08 -2.79 22.94
C ASP A 237 -1.95 -1.63 22.48
N TYR A 238 -2.28 -1.61 21.19
CA TYR A 238 -3.18 -0.66 20.57
C TYR A 238 -4.37 -1.44 20.04
N HIS A 239 -5.59 -1.10 20.44
CA HIS A 239 -6.73 -1.86 19.94
C HIS A 239 -7.98 -1.00 19.96
N LEU A 240 -9.11 -1.62 19.58
CA LEU A 240 -10.39 -0.93 19.47
C LEU A 240 -11.32 -1.36 20.60
N ASN A 241 -12.09 -0.40 21.11
CA ASN A 241 -13.04 -0.63 22.19
C ASN A 241 -14.40 -0.12 21.73
N HIS A 242 -15.41 -1.01 21.77
CA HIS A 242 -16.78 -0.69 21.37
C HIS A 242 -17.70 -0.80 22.59
N GLN A 243 -18.53 0.21 22.81
CA GLN A 243 -19.59 0.06 23.80
C GLN A 243 -20.56 1.22 23.67
N GLN A 244 -21.81 0.99 24.09
CA GLN A 244 -22.88 1.97 23.98
C GLN A 244 -23.07 2.46 22.55
N GLY A 245 -22.66 1.68 21.55
CA GLY A 245 -22.68 2.13 20.17
C GLY A 245 -21.52 2.99 19.73
N GLU A 246 -20.57 3.27 20.62
CA GLU A 246 -19.39 4.08 20.31
C GLU A 246 -18.15 3.21 20.19
N THR A 247 -17.12 3.77 19.56
CA THR A 247 -15.83 3.11 19.38
C THR A 247 -14.70 4.06 19.76
N TRP A 248 -13.72 3.52 20.47
CA TRP A 248 -12.57 4.30 20.90
C TRP A 248 -11.30 3.56 20.48
N LEU A 249 -10.30 4.33 20.10
CA LEU A 249 -8.95 3.82 20.06
C LEU A 249 -8.46 3.69 21.49
N ARG A 250 -7.81 2.58 21.77
CA ARG A 250 -7.36 2.27 23.13
C ARG A 250 -5.91 1.86 23.07
N VAL A 251 -5.10 2.44 23.95
CA VAL A 251 -3.65 2.22 23.99
C VAL A 251 -3.28 1.83 25.41
N LYS A 252 -2.68 0.66 25.57
CA LYS A 252 -2.21 0.14 26.86
C LYS A 252 -3.22 0.37 27.97
N GLY A 253 -4.46 -0.02 27.72
CA GLY A 253 -5.49 -0.03 28.73
C GLY A 253 -6.22 1.28 28.90
N GLU A 254 -5.96 2.26 28.04
CA GLU A 254 -6.49 3.61 28.19
C GLU A 254 -7.10 4.04 26.86
N LYS A 255 -8.37 4.45 26.88
CA LYS A 255 -8.93 5.12 25.71
C LYS A 255 -8.18 6.41 25.45
N VAL A 256 -7.89 6.67 24.17
CA VAL A 256 -7.18 7.88 23.80
C VAL A 256 -7.98 8.77 22.85
N LEU A 257 -8.97 8.24 22.15
CA LEU A 257 -9.69 9.03 21.15
C LEU A 257 -11.00 8.33 20.84
N ASN A 258 -12.10 9.08 20.84
CA ASN A 258 -13.32 8.59 20.22
C ASN A 258 -13.19 8.69 18.71
N VAL A 259 -13.50 7.60 17.98
CA VAL A 259 -13.34 7.60 16.52
C VAL A 259 -14.27 8.60 15.84
N LYS A 260 -15.30 9.09 16.54
CA LYS A 260 -16.14 10.09 15.88
C LYS A 260 -15.38 11.38 15.65
N GLU A 261 -14.19 11.53 16.22
CA GLU A 261 -13.38 12.72 15.96
C GLU A 261 -12.55 12.57 14.69
N MET A 262 -12.42 11.34 14.19
CA MET A 262 -11.66 11.09 12.98
C MET A 262 -12.53 11.30 11.76
N LYS A 263 -11.89 11.41 10.61
CA LYS A 263 -12.63 11.54 9.37
C LYS A 263 -12.64 10.27 8.54
N LEU A 264 -11.75 9.32 8.82
CA LEU A 264 -11.77 8.02 8.17
C LEU A 264 -12.96 7.19 8.65
N SER A 265 -13.36 6.24 7.81
CA SER A 265 -14.40 5.27 8.09
C SER A 265 -13.82 3.86 7.90
N GLY A 266 -14.41 2.90 8.60
CA GLY A 266 -14.07 1.52 8.40
C GLY A 266 -13.15 0.98 9.48
N GLN A 267 -13.51 -0.18 10.00
CA GLN A 267 -12.69 -0.79 11.03
C GLN A 267 -11.22 -0.92 10.59
N HIS A 268 -10.97 -1.29 9.32
CA HIS A 268 -9.57 -1.46 8.93
C HIS A 268 -8.83 -0.13 8.92
N ASN A 269 -9.51 0.97 8.59
CA ASN A 269 -8.86 2.28 8.75
C ASN A 269 -8.65 2.66 10.21
N TYR A 270 -9.55 2.22 11.11
CA TYR A 270 -9.29 2.41 12.54
C TYR A 270 -8.05 1.64 12.97
N THR A 271 -7.88 0.39 12.50
CA THR A 271 -6.63 -0.32 12.81
C THR A 271 -5.42 0.33 12.10
N ASN A 272 -5.62 0.91 10.91
CA ASN A 272 -4.53 1.70 10.30
C ASN A 272 -4.14 2.89 11.20
N ALA A 273 -5.14 3.56 11.76
CA ALA A 273 -4.88 4.66 12.70
C ALA A 273 -4.07 4.17 13.89
N LEU A 274 -4.40 2.99 14.41
CA LEU A 274 -3.67 2.44 15.54
C LEU A 274 -2.21 2.15 15.17
N ALA A 275 -1.99 1.49 14.03
CA ALA A 275 -0.64 1.19 13.59
C ALA A 275 0.16 2.47 13.41
N ALA A 276 -0.44 3.47 12.76
CA ALA A 276 0.22 4.77 12.61
C ALA A 276 0.58 5.37 13.97
N LEU A 277 -0.31 5.28 14.94
CA LEU A 277 -0.03 5.90 16.24
C LEU A 277 1.08 5.14 16.96
N ALA A 278 1.09 3.82 16.83
CA ALA A 278 2.14 3.02 17.45
C ALA A 278 3.50 3.34 16.84
N LEU A 279 3.54 3.51 15.51
CA LEU A 279 4.79 3.90 14.86
C LEU A 279 5.22 5.30 15.29
N ALA A 280 4.29 6.26 15.30
CA ALA A 280 4.62 7.62 15.71
C ALA A 280 5.11 7.63 17.15
N ASP A 281 4.42 6.92 18.05
CA ASP A 281 4.87 6.84 19.43
C ASP A 281 6.30 6.30 19.49
N ALA A 282 6.57 5.20 18.78
CA ALA A 282 7.88 4.58 18.81
C ALA A 282 8.95 5.49 18.22
N ALA A 283 8.58 6.33 17.25
CA ALA A 283 9.52 7.26 16.66
C ALA A 283 9.80 8.45 17.55
N GLY A 284 9.02 8.64 18.62
CA GLY A 284 9.22 9.77 19.52
C GLY A 284 8.42 11.00 19.18
N LEU A 285 7.42 10.89 18.32
CA LEU A 285 6.57 12.05 18.07
C LEU A 285 5.65 12.27 19.26
N PRO A 286 5.35 13.52 19.61
CA PRO A 286 4.46 13.78 20.76
C PRO A 286 3.07 13.22 20.53
N ARG A 287 2.52 12.60 21.58
CA ARG A 287 1.21 11.97 21.46
C ARG A 287 0.14 13.01 21.10
N ALA A 288 0.25 14.21 21.67
CA ALA A 288 -0.84 15.18 21.51
C ALA A 288 -0.99 15.56 20.04
N SER A 289 0.13 15.87 19.37
CA SER A 289 0.02 16.23 17.96
C SER A 289 -0.35 15.04 17.09
N SER A 290 0.04 13.82 17.49
CA SER A 290 -0.34 12.68 16.67
C SER A 290 -1.84 12.44 16.72
N LEU A 291 -2.44 12.58 17.90
CA LEU A 291 -3.89 12.49 18.00
C LEU A 291 -4.56 13.61 17.21
N LYS A 292 -4.01 14.83 17.28
CA LYS A 292 -4.57 15.90 16.47
C LYS A 292 -4.59 15.52 14.99
N ALA A 293 -3.52 14.88 14.50
CA ALA A 293 -3.48 14.45 13.10
C ALA A 293 -4.59 13.46 12.77
N LEU A 294 -4.90 12.56 13.69
CA LEU A 294 -6.00 11.63 13.46
C LEU A 294 -7.31 12.36 13.24
N THR A 295 -7.45 13.58 13.77
CA THR A 295 -8.72 14.29 13.63
C THR A 295 -8.77 15.15 12.37
N THR A 296 -7.62 15.44 11.75
CA THR A 296 -7.58 16.22 10.52
C THR A 296 -7.32 15.37 9.27
N PHE A 297 -6.71 14.21 9.41
CA PHE A 297 -6.42 13.37 8.25
C PHE A 297 -7.67 13.03 7.45
N THR A 298 -7.68 13.46 6.19
CA THR A 298 -8.82 13.24 5.30
C THR A 298 -8.86 11.85 4.68
N GLY A 299 -7.73 11.15 4.65
CA GLY A 299 -7.64 9.89 3.94
C GLY A 299 -7.26 10.11 2.49
N LEU A 300 -6.90 8.99 1.81
CA LEU A 300 -6.50 9.12 0.43
C LEU A 300 -7.66 8.78 -0.50
N PRO A 301 -7.71 9.38 -1.69
CA PRO A 301 -8.79 9.05 -2.61
C PRO A 301 -8.78 7.56 -2.95
N HIS A 302 -9.97 7.00 -3.12
CA HIS A 302 -10.22 5.65 -3.61
C HIS A 302 -9.89 4.57 -2.58
N ARG A 303 -9.49 4.94 -1.36
CA ARG A 303 -9.25 3.99 -0.27
C ARG A 303 -10.40 4.11 0.72
N PHE A 304 -11.39 3.23 0.60
CA PHE A 304 -12.60 3.24 1.44
C PHE A 304 -13.05 4.68 1.73
N GLU A 305 -13.26 5.42 0.66
CA GLU A 305 -13.45 6.86 0.70
C GLU A 305 -14.93 7.16 0.61
N VAL A 306 -15.47 7.85 1.62
CA VAL A 306 -16.86 8.29 1.58
C VAL A 306 -16.93 9.50 0.66
N VAL A 307 -17.58 9.34 -0.49
CA VAL A 307 -17.68 10.43 -1.45
C VAL A 307 -19.04 11.11 -1.41
N LEU A 308 -20.01 10.53 -0.75
CA LEU A 308 -21.35 11.13 -0.68
C LEU A 308 -22.07 10.55 0.52
N GLU A 309 -22.62 11.41 1.35
CA GLU A 309 -23.52 10.99 2.41
C GLU A 309 -24.73 11.91 2.34
N HIS A 310 -25.84 11.36 1.88
CA HIS A 310 -27.05 12.13 1.65
C HIS A 310 -28.24 11.20 1.81
N ASN A 311 -29.29 11.71 2.45
CA ASN A 311 -30.52 10.96 2.67
C ASN A 311 -30.26 9.63 3.38
N GLY A 312 -29.30 9.62 4.29
CA GLY A 312 -28.98 8.43 5.06
C GLY A 312 -28.27 7.33 4.30
N VAL A 313 -27.74 7.62 3.12
CA VAL A 313 -27.03 6.63 2.32
C VAL A 313 -25.60 7.11 2.19
N ARG A 314 -24.65 6.26 2.59
CA ARG A 314 -23.23 6.55 2.41
C ARG A 314 -22.75 5.84 1.15
N TRP A 315 -22.13 6.61 0.25
CA TRP A 315 -21.54 6.09 -0.98
C TRP A 315 -20.04 6.05 -0.81
N ILE A 316 -19.45 4.86 -0.93
CA ILE A 316 -18.06 4.65 -0.55
C ILE A 316 -17.26 4.16 -1.75
N ASN A 317 -16.28 4.98 -2.14
CA ASN A 317 -15.39 4.68 -3.25
C ASN A 317 -14.18 3.94 -2.67
N ASP A 318 -14.19 2.62 -2.82
CA ASP A 318 -13.06 1.77 -2.48
C ASP A 318 -12.46 1.17 -3.76
N SER A 319 -12.32 2.00 -4.80
CA SER A 319 -11.86 1.51 -6.09
C SER A 319 -10.46 0.94 -6.02
N LYS A 320 -9.65 1.42 -5.08
CA LYS A 320 -8.30 0.87 -4.95
C LYS A 320 -8.30 -0.53 -4.36
N ALA A 321 -9.46 -1.08 -4.01
CA ALA A 321 -9.56 -2.48 -3.62
C ALA A 321 -9.52 -3.36 -4.86
N THR A 322 -8.29 -3.52 -5.39
CA THR A 322 -8.04 -4.26 -6.61
C THR A 322 -7.76 -5.74 -6.36
N ASN A 323 -7.87 -6.22 -5.12
CA ASN A 323 -7.57 -7.60 -4.78
C ASN A 323 -8.51 -8.06 -3.67
N VAL A 324 -8.52 -9.37 -3.42
CA VAL A 324 -9.53 -9.92 -2.54
C VAL A 324 -9.29 -9.49 -1.08
N GLY A 325 -8.04 -9.45 -0.64
CA GLY A 325 -7.76 -9.08 0.74
C GLY A 325 -8.24 -7.68 1.10
N SER A 326 -8.18 -6.77 0.14
CA SER A 326 -8.68 -5.40 0.36
C SER A 326 -10.19 -5.40 0.63
N THR A 327 -10.94 -6.08 -0.24
CA THR A 327 -12.38 -6.12 -0.09
C THR A 327 -12.79 -6.90 1.15
N GLU A 328 -12.08 -7.99 1.44
CA GLU A 328 -12.37 -8.75 2.65
C GLU A 328 -12.24 -7.85 3.87
N ALA A 329 -11.18 -7.04 3.89
CA ALA A 329 -10.96 -6.13 5.00
C ALA A 329 -12.08 -5.08 5.08
N ALA A 330 -12.60 -4.66 3.92
CA ALA A 330 -13.70 -3.71 3.91
C ALA A 330 -14.97 -4.33 4.48
N LEU A 331 -15.22 -5.61 4.19
CA LEU A 331 -16.41 -6.26 4.68
C LEU A 331 -16.29 -6.68 6.14
N ASN A 332 -15.08 -6.84 6.65
CA ASN A 332 -14.91 -7.32 8.02
C ASN A 332 -15.26 -6.23 9.03
N GLY A 333 -16.14 -6.56 9.96
CA GLY A 333 -16.63 -5.60 10.94
C GLY A 333 -17.38 -4.44 10.34
N LEU A 334 -17.83 -4.57 9.10
CA LEU A 334 -18.47 -3.46 8.39
C LEU A 334 -19.77 -3.07 9.08
N HIS A 335 -19.94 -1.77 9.35
CA HIS A 335 -21.08 -1.26 10.09
C HIS A 335 -22.07 -0.63 9.11
N VAL A 336 -23.20 -1.29 8.91
CA VAL A 336 -24.28 -0.78 8.06
C VAL A 336 -25.61 -1.02 8.76
N ASP A 337 -26.42 0.03 8.88
CA ASP A 337 -27.69 -0.08 9.58
C ASP A 337 -28.79 -0.65 8.70
N GLY A 338 -28.81 -0.29 7.41
CA GLY A 338 -29.80 -0.86 6.50
C GLY A 338 -29.22 -1.94 5.61
N THR A 339 -29.28 -1.72 4.30
CA THR A 339 -28.79 -2.68 3.31
C THR A 339 -27.44 -2.25 2.75
N LEU A 340 -26.55 -3.23 2.57
CA LEU A 340 -25.31 -3.01 1.83
C LEU A 340 -25.55 -3.36 0.36
N HIS A 341 -25.37 -2.38 -0.50
CA HIS A 341 -25.37 -2.56 -1.94
C HIS A 341 -23.91 -2.62 -2.37
N LEU A 342 -23.43 -3.82 -2.69
CA LEU A 342 -22.00 -4.08 -2.88
C LEU A 342 -21.69 -4.24 -4.37
N LEU A 343 -20.79 -3.37 -4.88
CA LEU A 343 -20.37 -3.38 -6.28
C LEU A 343 -19.04 -4.11 -6.42
N LEU A 344 -19.08 -5.25 -7.10
CA LEU A 344 -17.92 -6.08 -7.36
C LEU A 344 -17.74 -6.25 -8.87
N GLY A 345 -16.50 -6.23 -9.34
CA GLY A 345 -16.30 -6.56 -10.73
C GLY A 345 -15.05 -5.94 -11.33
N GLY A 346 -14.80 -6.35 -12.57
CA GLY A 346 -13.59 -6.00 -13.28
C GLY A 346 -12.84 -7.24 -13.68
N ASP A 347 -11.53 -7.09 -13.86
CA ASP A 347 -10.63 -8.20 -14.14
C ASP A 347 -10.10 -8.73 -12.81
N GLY A 348 -10.61 -9.89 -12.38
CA GLY A 348 -10.18 -10.48 -11.13
C GLY A 348 -8.86 -11.22 -11.15
N LYS A 349 -8.17 -11.29 -12.28
CA LYS A 349 -6.82 -11.84 -12.33
C LYS A 349 -6.76 -13.27 -11.79
N SER A 350 -7.81 -14.06 -12.02
CA SER A 350 -7.91 -15.46 -11.60
C SER A 350 -7.86 -15.63 -10.08
N ALA A 351 -8.24 -14.61 -9.33
CA ALA A 351 -8.25 -14.73 -7.87
C ALA A 351 -9.31 -15.71 -7.39
N ASP A 352 -9.06 -16.29 -6.21
CA ASP A 352 -10.06 -17.08 -5.50
C ASP A 352 -10.92 -16.11 -4.68
N PHE A 353 -12.19 -15.95 -5.08
CA PHE A 353 -13.10 -15.07 -4.37
C PHE A 353 -13.83 -15.75 -3.23
N SER A 354 -13.67 -17.07 -3.06
CA SER A 354 -14.28 -17.81 -1.96
C SER A 354 -14.26 -17.06 -0.64
N PRO A 355 -13.14 -16.47 -0.21
CA PRO A 355 -13.12 -15.79 1.11
C PRO A 355 -14.24 -14.77 1.30
N LEU A 356 -14.69 -14.11 0.24
CA LEU A 356 -15.73 -13.11 0.39
C LEU A 356 -17.08 -13.72 0.75
N ALA A 357 -17.27 -15.02 0.49
CA ALA A 357 -18.57 -15.63 0.72
C ALA A 357 -19.02 -15.50 2.17
N ARG A 358 -18.12 -15.81 3.12
CA ARG A 358 -18.54 -15.87 4.51
C ARG A 358 -19.07 -14.52 5.04
N TYR A 359 -18.98 -13.44 4.27
CA TYR A 359 -19.54 -12.16 4.68
C TYR A 359 -20.85 -11.80 3.98
N LEU A 360 -21.28 -12.58 3.00
CA LEU A 360 -22.37 -12.18 2.13
C LEU A 360 -23.68 -12.86 2.46
N ASN A 361 -23.75 -13.61 3.55
CA ASN A 361 -25.03 -14.06 4.06
C ASN A 361 -25.69 -12.89 4.79
N GLY A 362 -26.89 -13.12 5.27
CA GLY A 362 -27.60 -12.05 5.93
C GLY A 362 -28.69 -11.48 5.04
N ASP A 363 -29.73 -10.97 5.68
CA ASP A 363 -30.91 -10.45 4.99
C ASP A 363 -30.71 -9.04 4.42
N ASN A 364 -29.53 -8.44 4.62
CA ASN A 364 -29.35 -7.02 4.33
C ASN A 364 -28.21 -6.79 3.34
N VAL A 365 -28.03 -7.69 2.38
CA VAL A 365 -26.94 -7.63 1.42
C VAL A 365 -27.48 -7.80 0.01
N ARG A 366 -27.06 -6.92 -0.91
CA ARG A 366 -27.35 -7.06 -2.33
C ARG A 366 -26.04 -6.92 -3.10
N LEU A 367 -25.84 -7.77 -4.09
CA LEU A 367 -24.65 -7.75 -4.92
C LEU A 367 -24.96 -7.23 -6.32
N TYR A 368 -24.06 -6.42 -6.84
CA TYR A 368 -24.16 -5.88 -8.19
C TYR A 368 -22.80 -6.09 -8.84
N CYS A 369 -22.74 -7.00 -9.81
CA CYS A 369 -21.49 -7.55 -10.30
C CYS A 369 -21.33 -7.20 -11.77
N PHE A 370 -20.13 -6.79 -12.16
CA PHE A 370 -19.95 -6.24 -13.50
C PHE A 370 -18.56 -6.54 -14.02
N GLY A 371 -18.31 -6.11 -15.26
CA GLY A 371 -17.02 -6.25 -15.87
C GLY A 371 -16.72 -7.68 -16.26
N ARG A 372 -15.45 -7.88 -16.61
CA ARG A 372 -14.98 -9.13 -17.18
C ARG A 372 -15.45 -10.33 -16.37
N ASP A 373 -15.33 -10.27 -15.04
CA ASP A 373 -15.56 -11.41 -14.17
C ASP A 373 -16.86 -11.32 -13.39
N GLY A 374 -17.81 -10.51 -13.88
CA GLY A 374 -19.06 -10.33 -13.15
C GLY A 374 -19.75 -11.64 -12.82
N ALA A 375 -19.75 -12.59 -13.75
CA ALA A 375 -20.49 -13.83 -13.51
C ALA A 375 -19.90 -14.61 -12.35
N GLN A 376 -18.58 -14.68 -12.26
CA GLN A 376 -17.96 -15.30 -11.10
C GLN A 376 -18.43 -14.64 -9.81
N LEU A 377 -18.50 -13.32 -9.82
CA LEU A 377 -18.80 -12.62 -8.58
C LEU A 377 -20.26 -12.83 -8.20
N ALA A 378 -21.16 -12.80 -9.18
CA ALA A 378 -22.56 -13.05 -8.86
C ALA A 378 -22.74 -14.45 -8.28
N ALA A 379 -21.83 -15.38 -8.62
CA ALA A 379 -21.93 -16.75 -8.16
C ALA A 379 -21.73 -16.88 -6.66
N LEU A 380 -21.13 -15.87 -6.03
CA LEU A 380 -20.92 -15.95 -4.59
C LEU A 380 -22.23 -16.20 -3.88
N ARG A 381 -23.30 -15.52 -4.29
CA ARG A 381 -24.63 -15.76 -3.74
C ARG A 381 -25.66 -15.32 -4.79
N PRO A 382 -26.02 -16.22 -5.71
CA PRO A 382 -26.90 -15.84 -6.81
C PRO A 382 -28.20 -15.18 -6.37
N GLU A 383 -28.74 -15.54 -5.19
CA GLU A 383 -30.09 -15.12 -4.81
C GLU A 383 -30.20 -13.62 -4.68
N VAL A 384 -29.14 -12.96 -4.21
CA VAL A 384 -29.13 -11.53 -3.95
C VAL A 384 -28.26 -10.76 -4.95
N ALA A 385 -27.97 -11.36 -6.12
CA ALA A 385 -26.99 -10.80 -7.05
C ALA A 385 -27.67 -10.47 -8.37
N GLU A 386 -27.21 -9.36 -8.97
CA GLU A 386 -27.52 -8.99 -10.33
C GLU A 386 -26.22 -8.72 -11.06
N GLN A 387 -26.20 -8.95 -12.37
CA GLN A 387 -24.99 -8.82 -13.17
C GLN A 387 -25.24 -7.90 -14.34
N THR A 388 -24.36 -6.92 -14.52
CA THR A 388 -24.43 -6.00 -15.64
C THR A 388 -23.06 -5.97 -16.33
N GLU A 389 -23.01 -5.34 -17.48
CA GLU A 389 -21.71 -5.20 -18.15
C GLU A 389 -20.82 -4.22 -17.39
N THR A 390 -21.36 -3.05 -17.04
CA THR A 390 -20.57 -1.93 -16.54
C THR A 390 -21.00 -1.46 -15.15
N MET A 391 -20.09 -0.74 -14.51
CA MET A 391 -20.37 -0.16 -13.20
C MET A 391 -21.56 0.78 -13.27
N GLU A 392 -21.62 1.61 -14.31
CA GLU A 392 -22.70 2.60 -14.40
C GLU A 392 -24.04 1.92 -14.50
N GLN A 393 -24.11 0.83 -15.27
CA GLN A 393 -25.35 0.07 -15.38
C GLN A 393 -25.75 -0.50 -14.03
N ALA A 394 -24.79 -1.03 -13.28
CA ALA A 394 -25.08 -1.58 -11.95
C ALA A 394 -25.57 -0.49 -11.00
N MET A 395 -24.93 0.68 -11.03
CA MET A 395 -25.33 1.78 -10.16
C MET A 395 -26.75 2.26 -10.49
N ARG A 396 -27.09 2.35 -11.78
CA ARG A 396 -28.46 2.70 -12.14
C ARG A 396 -29.47 1.66 -11.67
N LEU A 397 -29.06 0.41 -11.60
CA LEU A 397 -29.93 -0.64 -11.07
C LEU A 397 -30.22 -0.44 -9.59
N LEU A 398 -29.21 -0.07 -8.80
CA LEU A 398 -29.39 0.01 -7.35
C LEU A 398 -29.93 1.35 -6.89
N ALA A 399 -29.66 2.41 -7.64
CA ALA A 399 -29.99 3.74 -7.14
C ALA A 399 -31.47 3.90 -6.77
N PRO A 400 -32.44 3.37 -7.50
CA PRO A 400 -33.84 3.54 -7.08
C PRO A 400 -34.21 2.68 -5.89
N ARG A 401 -33.34 1.79 -5.45
CA ARG A 401 -33.70 0.87 -4.38
C ARG A 401 -33.17 1.32 -3.03
N VAL A 402 -32.25 2.27 -3.00
CA VAL A 402 -31.58 2.62 -1.76
C VAL A 402 -32.56 3.35 -0.85
N GLN A 403 -32.31 3.23 0.45
CA GLN A 403 -33.15 3.82 1.48
C GLN A 403 -32.23 4.35 2.58
N PRO A 404 -32.73 5.25 3.41
CA PRO A 404 -31.92 5.71 4.55
C PRO A 404 -31.45 4.53 5.40
N GLY A 405 -30.18 4.55 5.76
CA GLY A 405 -29.53 3.46 6.46
C GLY A 405 -28.61 2.64 5.57
N ASP A 406 -28.73 2.78 4.25
CA ASP A 406 -28.03 1.93 3.31
C ASP A 406 -26.60 2.40 3.07
N MET A 407 -25.77 1.45 2.62
CA MET A 407 -24.44 1.76 2.13
C MET A 407 -24.32 1.24 0.71
N VAL A 408 -23.76 2.07 -0.17
CA VAL A 408 -23.37 1.69 -1.52
C VAL A 408 -21.84 1.67 -1.53
N LEU A 409 -21.27 0.47 -1.64
CA LEU A 409 -19.83 0.26 -1.54
C LEU A 409 -19.26 -0.25 -2.86
N LEU A 410 -18.38 0.54 -3.48
CA LEU A 410 -17.56 0.08 -4.59
C LEU A 410 -16.27 -0.49 -4.01
N SER A 411 -16.23 -1.80 -3.86
CA SER A 411 -15.05 -2.50 -3.36
C SER A 411 -14.82 -3.66 -4.31
N PRO A 412 -14.25 -3.39 -5.49
CA PRO A 412 -14.42 -4.33 -6.62
C PRO A 412 -13.71 -5.66 -6.48
N ALA A 413 -12.63 -5.72 -5.70
CA ALA A 413 -11.78 -6.89 -5.52
C ALA A 413 -11.10 -7.32 -6.83
N CYS A 414 -11.09 -6.42 -7.83
CA CYS A 414 -10.60 -6.69 -9.18
C CYS A 414 -9.85 -5.47 -9.72
N ALA A 415 -8.97 -5.72 -10.69
CA ALA A 415 -8.37 -4.61 -11.41
C ALA A 415 -9.41 -3.95 -12.31
N SER A 416 -9.12 -2.72 -12.74
CA SER A 416 -10.07 -1.93 -13.52
C SER A 416 -9.81 -1.95 -15.02
N LEU A 417 -8.70 -2.52 -15.48
CA LEU A 417 -8.20 -2.25 -16.83
C LEU A 417 -9.04 -2.85 -17.94
N ASP A 418 -10.01 -3.70 -17.61
CA ASP A 418 -10.92 -4.23 -18.62
C ASP A 418 -11.88 -3.15 -19.11
N GLN A 419 -12.13 -2.11 -18.32
CA GLN A 419 -13.10 -1.08 -18.68
C GLN A 419 -12.64 0.35 -18.40
N PHE A 420 -11.55 0.56 -17.67
CA PHE A 420 -11.09 1.89 -17.29
C PHE A 420 -9.59 2.01 -17.54
N LYS A 421 -9.13 3.26 -17.65
CA LYS A 421 -7.70 3.52 -17.78
C LYS A 421 -6.93 3.07 -16.54
N ASN A 422 -7.53 3.17 -15.36
CA ASN A 422 -6.88 2.83 -14.10
C ASN A 422 -7.93 2.91 -12.99
N PHE A 423 -7.53 2.53 -11.77
CA PHE A 423 -8.49 2.52 -10.67
C PHE A 423 -8.94 3.93 -10.28
N GLU A 424 -8.15 4.95 -10.59
CA GLU A 424 -8.53 6.32 -10.26
C GLU A 424 -9.67 6.77 -11.14
N GLN A 425 -9.63 6.40 -12.42
CA GLN A 425 -10.76 6.73 -13.29
C GLN A 425 -12.01 6.01 -12.84
N ARG A 426 -11.87 4.76 -12.40
CA ARG A 426 -13.02 4.01 -11.91
C ARG A 426 -13.61 4.67 -10.66
N GLY A 427 -12.75 5.03 -9.69
CA GLY A 427 -13.26 5.71 -8.51
C GLY A 427 -13.90 7.05 -8.83
N ASN A 428 -13.26 7.83 -9.72
CA ASN A 428 -13.79 9.13 -10.12
C ASN A 428 -15.14 8.97 -10.82
N GLU A 429 -15.29 7.91 -11.61
CA GLU A 429 -16.59 7.66 -12.22
C GLU A 429 -17.62 7.28 -11.18
N PHE A 430 -17.23 6.46 -10.21
CA PHE A 430 -18.19 6.11 -9.18
C PHE A 430 -18.66 7.37 -8.44
N ALA A 431 -17.74 8.31 -8.15
CA ALA A 431 -18.13 9.51 -7.42
C ALA A 431 -19.06 10.38 -8.26
N ARG A 432 -18.76 10.54 -9.55
CA ARG A 432 -19.64 11.28 -10.44
C ARG A 432 -21.06 10.69 -10.43
N LEU A 433 -21.17 9.37 -10.58
CA LEU A 433 -22.49 8.73 -10.61
C LEU A 433 -23.16 8.69 -9.25
N ALA A 434 -22.39 8.65 -8.17
CA ALA A 434 -23.01 8.68 -6.86
C ALA A 434 -23.72 10.01 -6.67
N LYS A 435 -23.10 11.10 -7.13
CA LYS A 435 -23.69 12.43 -6.98
C LYS A 435 -24.84 12.64 -7.95
N GLU A 436 -24.68 12.16 -9.18
CA GLU A 436 -25.78 12.19 -10.15
C GLU A 436 -27.00 11.43 -9.63
N LEU A 437 -26.78 10.23 -9.07
CA LEU A 437 -27.87 9.33 -8.71
C LEU A 437 -28.29 9.43 -7.25
N GLY A 438 -27.50 10.09 -6.41
CA GLY A 438 -27.81 10.13 -5.00
C GLY A 438 -27.77 11.50 -4.36
N GLY A 439 -27.49 12.55 -5.13
CA GLY A 439 -27.34 13.88 -4.59
C GLY A 439 -28.55 14.78 -4.83
N HIS A 440 -29.07 14.77 -6.05
CA HIS A 440 -30.23 15.59 -6.44
C HIS A 440 -29.83 17.00 -6.86
#